data_6BIC
#
_entry.id   6BIC
#
_cell.length_a   37.602
_cell.length_b   66.271
_cell.length_c   125.283
_cell.angle_alpha   90.000
_cell.angle_beta   90.000
_cell.angle_gamma   90.000
#
_symmetry.space_group_name_H-M   'P 21 21 21'
#
loop_
_entity.id
_entity.type
_entity.pdbx_description
1 polymer '3C-like protease'
2 non-polymer '(phenylmethyl) ~{N}-[(9~{S},12~{S},15~{S})-9-(hydroxymethyl)-12-(2-methylpropyl)-6,11,14-tris(oxidanylidene)-1,5,10,13,18,19-hexazabicyclo[15.2.1]icosa-17(20),18-dien-15-yl]carbamate'
3 water water
#
_entity_poly.entity_id   1
_entity_poly.type   'polypeptide(L)'
_entity_poly.pdbx_seq_one_letter_code
;MHHHHHHAPPTLWSRVTKFGSGWGFWVSPTVFITTTHVVPTGVKEFFGEPLSSIAIHQAGEFTQFRFSKKMRPDLTGMVL
EEGCPEGTVCSVLIKRDSGELLPLAVRMGAIASMRIQGRLVHGQSGMLLTGANAKGMDLGTIPGDCGAPYVHKRGNDWVV
CGVHAAATKSGNTVVCAVQAGEGETALE
;
_entity_poly.pdbx_strand_id   A,B
#
# COMPACT_ATOMS: atom_id res chain seq x y z
N HIS A 7 -4.29 -12.09 11.92
CA HIS A 7 -4.53 -10.79 11.22
C HIS A 7 -3.21 -10.07 10.98
N ALA A 8 -2.94 -9.73 9.74
CA ALA A 8 -1.70 -9.05 9.41
C ALA A 8 -1.84 -7.54 9.61
N PRO A 9 -0.92 -6.89 10.32
CA PRO A 9 -1.07 -5.47 10.62
C PRO A 9 -0.50 -4.59 9.51
N PRO A 10 -0.90 -3.31 9.47
CA PRO A 10 -0.47 -2.44 8.36
C PRO A 10 1.03 -2.45 8.13
N THR A 11 1.83 -2.41 9.19
CA THR A 11 3.28 -2.38 8.99
C THR A 11 3.73 -3.61 8.21
N LEU A 12 3.11 -4.77 8.50
CA LEU A 12 3.44 -5.97 7.74
C LEU A 12 3.07 -5.83 6.28
N TRP A 13 1.81 -5.46 6.01
CA TRP A 13 1.37 -5.19 4.65
C TRP A 13 2.32 -4.24 3.94
N SER A 14 2.87 -3.25 4.66
CA SER A 14 3.71 -2.22 4.05
C SER A 14 5.05 -2.78 3.59
N ARG A 15 5.40 -3.99 4.02
CA ARG A 15 6.58 -4.65 3.48
C ARG A 15 6.35 -5.11 2.05
N VAL A 16 5.10 -5.32 1.65
CA VAL A 16 4.81 -5.80 0.30
C VAL A 16 4.90 -4.63 -0.68
N THR A 17 5.78 -4.73 -1.66
CA THR A 17 6.17 -3.63 -2.51
C THR A 17 6.07 -4.02 -3.98
N LYS A 18 5.42 -3.16 -4.77
CA LYS A 18 5.42 -3.31 -6.22
C LYS A 18 6.84 -3.45 -6.75
N PHE A 19 7.07 -4.46 -7.58
CA PHE A 19 8.43 -4.70 -8.05
C PHE A 19 8.39 -5.43 -9.39
N GLY A 20 9.01 -4.82 -10.39
CA GLY A 20 9.05 -5.40 -11.73
C GLY A 20 7.66 -5.77 -12.20
N SER A 21 7.54 -6.99 -12.72
CA SER A 21 6.26 -7.54 -13.13
C SER A 21 5.48 -8.13 -11.96
N GLY A 22 5.95 -7.99 -10.73
CA GLY A 22 5.21 -8.51 -9.60
C GLY A 22 5.41 -7.73 -8.32
N TRP A 23 5.76 -8.45 -7.25
CA TRP A 23 5.91 -7.86 -5.93
C TRP A 23 7.18 -8.40 -5.28
N GLY A 24 7.49 -7.78 -4.14
CA GLY A 24 8.57 -8.21 -3.27
C GLY A 24 8.21 -7.82 -1.85
N PHE A 25 9.06 -8.26 -0.93
CA PHE A 25 8.78 -8.17 0.49
C PHE A 25 10.03 -7.65 1.20
N TRP A 26 9.88 -6.59 1.99
CA TRP A 26 11.01 -6.09 2.78
C TRP A 26 11.10 -6.94 4.04
N VAL A 27 12.11 -7.83 4.08
CA VAL A 27 12.30 -8.69 5.23
C VAL A 27 12.81 -7.89 6.42
N SER A 28 13.66 -6.92 6.15
CA SER A 28 14.28 -6.09 7.16
C SER A 28 14.51 -4.73 6.51
N PRO A 29 15.12 -3.78 7.21
CA PRO A 29 15.45 -2.50 6.57
C PRO A 29 16.39 -2.61 5.37
N THR A 30 17.14 -3.70 5.25
CA THR A 30 18.11 -3.87 4.17
C THR A 30 17.82 -5.03 3.23
N VAL A 31 16.96 -5.97 3.61
CA VAL A 31 16.78 -7.22 2.87
C VAL A 31 15.42 -7.23 2.19
N PHE A 32 15.44 -7.36 0.87
CA PHE A 32 14.26 -7.44 0.01
C PHE A 32 14.28 -8.78 -0.72
N ILE A 33 13.17 -9.52 -0.70
CA ILE A 33 13.07 -10.82 -1.37
C ILE A 33 11.92 -10.80 -2.37
N THR A 34 12.08 -11.60 -3.44
CA THR A 34 11.10 -11.64 -4.53
C THR A 34 11.30 -12.91 -5.35
N THR A 35 10.44 -13.10 -6.35
CA THR A 35 10.52 -14.23 -7.25
C THR A 35 11.39 -13.85 -8.43
N THR A 36 12.30 -14.75 -8.80
CA THR A 36 13.32 -14.39 -9.79
C THR A 36 12.71 -13.91 -11.10
N HIS A 37 11.62 -14.55 -11.55
CA HIS A 37 11.12 -14.20 -12.86
C HIS A 37 10.29 -12.91 -12.91
N VAL A 38 10.13 -12.17 -11.80
CA VAL A 38 9.52 -10.84 -11.88
C VAL A 38 10.58 -9.75 -11.92
N VAL A 39 11.82 -10.04 -11.56
CA VAL A 39 12.86 -9.01 -11.56
C VAL A 39 13.01 -8.47 -12.98
N PRO A 40 13.04 -7.17 -13.19
CA PRO A 40 13.25 -6.64 -14.55
C PRO A 40 14.72 -6.60 -14.91
N THR A 41 14.98 -6.52 -16.22
CA THR A 41 16.34 -6.42 -16.75
C THR A 41 16.43 -5.32 -17.80
N GLU A 45 19.31 -0.40 -11.96
CA GLU A 45 18.98 0.32 -10.72
C GLU A 45 17.83 -0.36 -9.97
N PHE A 46 17.95 -0.43 -8.65
CA PHE A 46 16.91 -0.98 -7.78
C PHE A 46 16.67 -0.01 -6.64
N PHE A 47 15.48 0.60 -6.61
CA PHE A 47 15.13 1.57 -5.58
C PHE A 47 16.19 2.66 -5.48
N GLY A 48 16.60 3.19 -6.62
CA GLY A 48 17.63 4.21 -6.65
C GLY A 48 18.94 3.75 -6.06
N GLU A 49 19.41 2.57 -6.51
CA GLU A 49 20.73 2.07 -6.15
C GLU A 49 21.34 1.44 -7.40
N PRO A 50 22.53 1.86 -7.83
CA PRO A 50 23.18 1.14 -8.94
C PRO A 50 23.40 -0.31 -8.56
N LEU A 51 23.47 -1.16 -9.59
CA LEU A 51 23.46 -2.60 -9.38
C LEU A 51 24.66 -3.05 -8.55
N SER A 52 25.77 -2.31 -8.62
CA SER A 52 26.96 -2.63 -7.84
C SER A 52 26.77 -2.47 -6.34
N SER A 53 25.65 -1.89 -5.90
CA SER A 53 25.46 -1.59 -4.48
C SER A 53 24.96 -2.80 -3.68
N ILE A 54 24.46 -3.83 -4.36
CA ILE A 54 23.60 -4.81 -3.74
C ILE A 54 24.28 -6.17 -3.75
N ALA A 55 24.06 -6.96 -2.69
CA ALA A 55 24.44 -8.36 -2.64
C ALA A 55 23.25 -9.19 -3.11
N ILE A 56 23.30 -9.61 -4.38
CA ILE A 56 22.22 -10.37 -5.02
C ILE A 56 22.53 -11.86 -4.92
N HIS A 57 21.65 -12.61 -4.27
CA HIS A 57 21.72 -14.07 -4.22
C HIS A 57 20.43 -14.64 -4.81
N GLN A 58 20.57 -15.46 -5.84
CA GLN A 58 19.42 -16.01 -6.57
C GLN A 58 19.61 -17.51 -6.77
N ALA A 59 18.56 -18.29 -6.50
CA ALA A 59 18.57 -19.71 -6.81
C ALA A 59 17.17 -20.28 -6.72
N GLY A 60 16.75 -21.04 -7.74
CA GLY A 60 15.47 -21.72 -7.70
C GLY A 60 14.26 -20.82 -7.74
N GLU A 61 14.36 -19.65 -8.35
CA GLU A 61 13.30 -18.64 -8.48
C GLU A 61 13.12 -17.81 -7.22
N PHE A 62 13.98 -17.98 -6.21
CA PHE A 62 14.00 -17.13 -5.04
C PHE A 62 15.18 -16.17 -5.13
N THR A 63 14.89 -14.88 -5.27
CA THR A 63 15.90 -13.83 -5.27
C THR A 63 15.93 -13.09 -3.93
N GLN A 64 17.14 -12.85 -3.40
CA GLN A 64 17.34 -12.02 -2.22
C GLN A 64 18.28 -10.87 -2.58
N PHE A 65 17.90 -9.65 -2.22
CA PHE A 65 18.76 -8.48 -2.34
C PHE A 65 19.18 -8.03 -0.95
N ARG A 66 20.49 -7.85 -0.76
CA ARG A 66 21.03 -7.16 0.41
C ARG A 66 21.53 -5.81 -0.06
N PHE A 67 20.99 -4.75 0.54
CA PHE A 67 21.35 -3.39 0.16
C PHE A 67 22.46 -2.86 1.08
N SER A 68 23.18 -1.85 0.58
CA SER A 68 24.22 -1.20 1.37
C SER A 68 23.59 -0.25 2.40
N LYS A 69 22.81 0.73 1.94
CA LYS A 69 22.13 1.63 2.86
C LYS A 69 20.83 1.01 3.34
N LYS A 70 20.32 1.55 4.45
CA LYS A 70 19.07 1.10 5.03
C LYS A 70 17.91 1.67 4.23
N MET A 71 17.18 0.81 3.53
CA MET A 71 16.16 1.26 2.58
C MET A 71 14.80 1.45 3.23
N ARG A 72 14.50 0.70 4.28
CA ARG A 72 13.25 0.81 5.02
C ARG A 72 13.59 0.87 6.51
N PRO A 73 14.18 1.99 6.98
CA PRO A 73 14.53 2.11 8.41
C PRO A 73 13.39 1.82 9.36
N ASP A 74 12.15 1.99 8.90
CA ASP A 74 10.98 1.91 9.76
C ASP A 74 10.64 0.50 10.22
N LEU A 75 11.19 -0.54 9.60
CA LEU A 75 10.79 -1.91 9.90
C LEU A 75 11.73 -2.56 10.89
N THR A 76 11.18 -3.44 11.72
CA THR A 76 11.97 -4.42 12.46
C THR A 76 12.23 -5.63 11.57
N GLY A 77 13.49 -6.07 11.51
CA GLY A 77 13.80 -7.28 10.76
C GLY A 77 13.04 -8.48 11.30
N MET A 78 12.56 -9.32 10.39
CA MET A 78 11.84 -10.53 10.79
C MET A 78 12.59 -11.76 10.28
N VAL A 79 12.11 -12.93 10.71
CA VAL A 79 12.81 -14.18 10.47
C VAL A 79 12.42 -14.72 9.09
N LEU A 80 13.43 -14.97 8.27
CA LEU A 80 13.26 -15.59 6.96
C LEU A 80 13.71 -17.05 7.07
N GLU A 81 12.74 -17.97 7.10
CA GLU A 81 13.01 -19.40 7.15
C GLU A 81 13.01 -20.01 5.75
N GLU A 82 13.70 -21.15 5.63
CA GLU A 82 13.72 -21.93 4.39
C GLU A 82 12.47 -22.79 4.33
N GLY A 83 11.36 -22.16 3.92
CA GLY A 83 10.07 -22.80 3.95
C GLY A 83 9.52 -22.84 5.36
N CYS A 84 8.41 -23.56 5.52
CA CYS A 84 7.83 -23.78 6.82
C CYS A 84 7.50 -25.25 7.01
N PRO A 85 7.42 -25.72 8.26
CA PRO A 85 6.97 -27.09 8.51
C PRO A 85 5.71 -27.41 7.74
N GLU A 86 5.67 -28.63 7.17
CA GLU A 86 4.53 -29.04 6.37
C GLU A 86 3.25 -29.01 7.20
N GLY A 87 2.11 -28.94 6.51
CA GLY A 87 0.82 -28.87 7.17
C GLY A 87 0.47 -27.47 7.64
N THR A 88 1.49 -26.70 8.03
CA THR A 88 1.33 -25.31 8.47
C THR A 88 0.34 -24.53 7.62
N VAL A 89 -0.33 -23.56 8.22
CA VAL A 89 -1.17 -22.62 7.50
C VAL A 89 -0.48 -21.27 7.49
N CYS A 90 -0.22 -20.76 6.29
CA CYS A 90 0.34 -19.43 6.10
C CYS A 90 -0.72 -18.51 5.52
N SER A 91 -0.43 -17.22 5.52
CA SER A 91 -1.21 -16.26 4.76
C SER A 91 -0.34 -15.76 3.62
N VAL A 92 -0.93 -15.70 2.43
CA VAL A 92 -0.28 -15.07 1.28
C VAL A 92 -0.76 -13.63 1.26
N LEU A 93 0.19 -12.69 1.32
CA LEU A 93 -0.14 -11.27 1.46
C LEU A 93 -0.13 -10.63 0.08
N ILE A 94 -1.25 -10.78 -0.61
CA ILE A 94 -1.38 -10.31 -1.98
C ILE A 94 -1.86 -8.86 -1.98
N LYS A 95 -1.15 -8.02 -2.70
CA LYS A 95 -1.58 -6.68 -3.06
C LYS A 95 -1.92 -6.71 -4.54
N ARG A 96 -3.06 -6.13 -4.91
CA ARG A 96 -3.41 -5.96 -6.31
C ARG A 96 -3.09 -4.54 -6.76
N ASP A 97 -2.77 -4.41 -8.05
CA ASP A 97 -2.48 -3.11 -8.65
C ASP A 97 -3.52 -2.05 -8.31
N SER A 98 -4.74 -2.45 -7.95
CA SER A 98 -5.77 -1.50 -7.55
C SER A 98 -5.61 -1.01 -6.12
N GLY A 99 -4.72 -1.60 -5.33
CA GLY A 99 -4.57 -1.25 -3.94
C GLY A 99 -5.27 -2.17 -2.98
N GLU A 100 -6.15 -3.05 -3.49
CA GLU A 100 -6.82 -4.02 -2.63
C GLU A 100 -5.81 -4.94 -1.97
N LEU A 101 -6.02 -5.20 -0.68
CA LEU A 101 -5.25 -6.19 0.05
C LEU A 101 -6.05 -7.50 0.07
N LEU A 102 -5.39 -8.61 -0.22
CA LEU A 102 -6.07 -9.89 -0.36
C LEU A 102 -5.29 -10.96 0.37
N PRO A 103 -5.54 -11.13 1.67
CA PRO A 103 -4.82 -12.18 2.44
C PRO A 103 -5.42 -13.56 2.23
N LEU A 104 -4.67 -14.45 1.55
CA LEU A 104 -5.06 -15.82 1.27
C LEU A 104 -4.41 -16.79 2.25
N ALA A 105 -5.22 -17.62 2.91
CA ALA A 105 -4.69 -18.66 3.78
C ALA A 105 -4.38 -19.92 2.97
N VAL A 106 -3.28 -20.59 3.33
CA VAL A 106 -2.75 -21.70 2.56
C VAL A 106 -2.29 -22.79 3.51
N ARG A 107 -2.73 -24.02 3.28
CA ARG A 107 -2.21 -25.18 3.99
C ARG A 107 -1.01 -25.70 3.22
N MET A 108 0.17 -25.62 3.82
CA MET A 108 1.41 -25.86 3.10
C MET A 108 1.72 -27.36 3.05
N GLY A 109 1.79 -27.90 1.83
CA GLY A 109 2.28 -29.24 1.62
C GLY A 109 3.79 -29.33 1.78
N ALA A 110 4.47 -30.02 0.88
CA ALA A 110 5.88 -30.33 1.05
C ALA A 110 6.76 -29.45 0.16
N ILE A 111 8.02 -29.34 0.57
CA ILE A 111 9.05 -28.69 -0.22
C ILE A 111 9.58 -29.69 -1.25
N ALA A 112 9.94 -29.18 -2.42
CA ALA A 112 10.42 -30.06 -3.49
C ALA A 112 10.99 -29.21 -4.60
N SER A 113 11.93 -29.79 -5.32
CA SER A 113 12.34 -29.24 -6.60
C SER A 113 11.22 -29.44 -7.60
N MET A 114 10.92 -28.40 -8.36
CA MET A 114 9.89 -28.47 -9.39
C MET A 114 10.43 -27.85 -10.67
N ARG A 115 9.86 -28.27 -11.80
CA ARG A 115 10.11 -27.68 -13.11
C ARG A 115 8.76 -27.13 -13.59
N ILE A 116 8.60 -25.81 -13.52
CA ILE A 116 7.34 -25.16 -13.83
C ILE A 116 7.57 -24.26 -15.04
N GLN A 117 6.90 -24.59 -16.16
CA GLN A 117 7.10 -23.92 -17.44
C GLN A 117 8.58 -23.75 -17.74
N GLY A 118 9.35 -24.80 -17.47
CA GLY A 118 10.73 -24.86 -17.88
C GLY A 118 11.74 -24.25 -16.94
N ARG A 119 11.32 -23.79 -15.76
CA ARG A 119 12.21 -23.20 -14.78
C ARG A 119 12.24 -24.07 -13.54
N LEU A 120 13.43 -24.22 -12.95
CA LEU A 120 13.60 -24.96 -11.72
C LEU A 120 13.14 -24.10 -10.55
N VAL A 121 12.15 -24.59 -9.79
CA VAL A 121 11.64 -23.90 -8.61
C VAL A 121 11.94 -24.76 -7.39
N HIS A 122 12.76 -24.22 -6.47
CA HIS A 122 12.90 -24.77 -5.12
C HIS A 122 11.73 -24.21 -4.33
N GLY A 123 10.66 -25.00 -4.29
CA GLY A 123 9.37 -24.49 -3.88
C GLY A 123 8.73 -25.37 -2.83
N GLN A 124 7.58 -24.89 -2.37
CA GLN A 124 6.73 -25.59 -1.43
C GLN A 124 5.31 -25.38 -1.90
N SER A 125 4.55 -26.46 -1.99
CA SER A 125 3.18 -26.40 -2.46
C SER A 125 2.25 -26.13 -1.29
N GLY A 126 1.02 -25.77 -1.61
CA GLY A 126 -0.01 -25.60 -0.61
C GLY A 126 -1.38 -25.61 -1.24
N MET A 127 -2.38 -25.89 -0.42
CA MET A 127 -3.78 -25.82 -0.83
C MET A 127 -4.40 -24.56 -0.24
N LEU A 128 -5.28 -23.94 -1.03
CA LEU A 128 -5.99 -22.76 -0.57
C LEU A 128 -7.11 -23.15 0.39
N LEU A 129 -7.66 -22.16 1.07
CA LEU A 129 -8.73 -22.36 2.05
C LEU A 129 -9.65 -21.14 2.09
N ASP A 138 -13.02 -19.86 -3.50
CA ASP A 138 -13.62 -18.55 -3.75
C ASP A 138 -12.62 -17.54 -4.31
N LEU A 139 -11.36 -17.65 -3.89
CA LEU A 139 -10.33 -16.68 -4.27
C LEU A 139 -9.07 -17.42 -4.67
N GLY A 140 -8.31 -16.80 -5.58
CA GLY A 140 -7.06 -17.41 -5.99
C GLY A 140 -6.11 -16.40 -6.58
N THR A 141 -4.92 -16.90 -6.94
CA THR A 141 -3.82 -16.06 -7.38
C THR A 141 -3.92 -15.83 -8.88
N ILE A 142 -3.39 -14.69 -9.32
CA ILE A 142 -3.40 -14.31 -10.72
C ILE A 142 -1.97 -14.06 -11.14
N PRO A 143 -1.70 -14.00 -12.44
CA PRO A 143 -0.41 -13.45 -12.88
C PRO A 143 -0.34 -11.98 -12.49
N GLY A 144 0.80 -11.58 -11.93
CA GLY A 144 0.92 -10.30 -11.28
C GLY A 144 1.09 -10.43 -9.78
N ASP A 145 0.57 -11.51 -9.19
CA ASP A 145 0.73 -11.80 -7.78
C ASP A 145 2.09 -12.38 -7.42
N CYS A 146 2.97 -12.64 -8.39
CA CYS A 146 4.22 -13.31 -8.05
C CYS A 146 5.14 -12.37 -7.28
N GLY A 147 5.81 -12.93 -6.27
CA GLY A 147 6.61 -12.19 -5.35
C GLY A 147 5.93 -11.90 -4.03
N ALA A 148 4.60 -12.08 -3.96
CA ALA A 148 3.90 -11.84 -2.72
C ALA A 148 4.32 -12.85 -1.65
N PRO A 149 4.47 -12.42 -0.41
CA PRO A 149 5.08 -13.28 0.60
C PRO A 149 4.09 -14.27 1.21
N TYR A 150 4.63 -15.42 1.59
CA TYR A 150 3.93 -16.37 2.44
C TYR A 150 4.45 -16.17 3.86
N VAL A 151 3.53 -16.00 4.81
CA VAL A 151 3.91 -15.64 6.18
C VAL A 151 3.09 -16.42 7.19
N HIS A 152 3.68 -16.63 8.35
CA HIS A 152 2.92 -17.07 9.53
C HIS A 152 3.57 -16.44 10.75
N LYS A 153 2.80 -16.37 11.83
CA LYS A 153 3.28 -15.79 13.08
C LYS A 153 3.68 -16.92 14.03
N ARG A 154 4.88 -16.81 14.59
CA ARG A 154 5.36 -17.80 15.54
C ARG A 154 5.39 -17.24 16.96
N ASN A 156 5.54 -14.75 19.21
CA ASN A 156 5.48 -13.30 19.18
C ASN A 156 6.15 -12.74 17.93
N ASP A 157 6.31 -13.59 16.91
CA ASP A 157 7.01 -13.21 15.70
C ASP A 157 6.10 -13.37 14.49
N TRP A 158 6.53 -12.76 13.38
CA TRP A 158 6.02 -13.06 12.06
C TRP A 158 7.18 -13.61 11.25
N VAL A 159 6.98 -14.76 10.62
CA VAL A 159 8.00 -15.43 9.84
C VAL A 159 7.55 -15.46 8.38
N VAL A 160 8.47 -15.12 7.49
CA VAL A 160 8.23 -15.25 6.05
C VAL A 160 9.02 -16.46 5.58
N CYS A 161 8.33 -17.36 4.87
CA CYS A 161 8.95 -18.60 4.43
C CYS A 161 8.97 -18.75 2.91
N GLY A 162 8.30 -17.86 2.18
CA GLY A 162 8.28 -18.00 0.72
C GLY A 162 7.73 -16.77 0.02
N VAL A 163 7.95 -16.78 -1.29
CA VAL A 163 7.44 -15.77 -2.21
C VAL A 163 6.68 -16.49 -3.32
N HIS A 164 5.58 -15.90 -3.75
CA HIS A 164 4.68 -16.58 -4.66
C HIS A 164 5.31 -16.75 -6.04
N ALA A 165 5.17 -17.95 -6.60
CA ALA A 165 5.89 -18.31 -7.83
C ALA A 165 5.00 -18.94 -8.89
N ALA A 166 3.98 -19.70 -8.49
CA ALA A 166 3.17 -20.43 -9.45
C ALA A 166 1.86 -20.89 -8.82
N ALA A 167 0.88 -21.13 -9.68
CA ALA A 167 -0.32 -21.87 -9.32
C ALA A 167 -0.75 -22.72 -10.52
N THR A 168 -1.57 -23.72 -10.25
CA THR A 168 -2.08 -24.59 -11.31
C THR A 168 -3.15 -23.87 -12.14
N LYS A 169 -3.30 -24.32 -13.39
CA LYS A 169 -4.28 -23.79 -14.34
C LYS A 169 -5.60 -23.49 -13.64
N SER A 170 -6.03 -24.40 -12.78
CA SER A 170 -7.10 -24.13 -11.84
C SER A 170 -6.70 -23.00 -10.90
N GLY A 171 -6.89 -23.21 -9.59
CA GLY A 171 -6.32 -22.33 -8.60
C GLY A 171 -6.07 -23.06 -7.30
N ASN A 172 -6.42 -24.35 -7.26
CA ASN A 172 -6.43 -25.08 -6.00
C ASN A 172 -5.06 -25.06 -5.34
N THR A 173 -4.01 -25.36 -6.12
CA THR A 173 -2.66 -25.49 -5.60
C THR A 173 -1.82 -24.30 -6.03
N VAL A 174 -1.04 -23.78 -5.10
CA VAL A 174 -0.11 -22.69 -5.35
C VAL A 174 1.26 -23.15 -4.92
N VAL A 175 2.27 -22.52 -5.48
CA VAL A 175 3.66 -22.79 -5.11
C VAL A 175 4.33 -21.48 -4.73
N CYS A 176 5.12 -21.53 -3.68
CA CYS A 176 6.00 -20.45 -3.32
C CYS A 176 7.42 -20.94 -3.42
N ALA A 177 8.29 -20.10 -3.96
CA ALA A 177 9.72 -20.36 -3.94
C ALA A 177 10.28 -20.06 -2.56
N VAL A 178 11.20 -20.91 -2.11
CA VAL A 178 11.81 -20.81 -0.79
C VAL A 178 13.31 -20.68 -0.95
N GLN A 179 13.95 -20.16 0.09
CA GLN A 179 15.40 -20.02 0.09
C GLN A 179 16.05 -21.36 0.46
N ALA A 180 17.35 -21.45 0.20
CA ALA A 180 18.12 -22.65 0.52
C ALA A 180 19.12 -22.37 1.64
N HIS B 6 -6.79 5.27 18.35
CA HIS B 6 -7.40 4.45 17.25
C HIS B 6 -6.46 4.26 16.08
N HIS B 7 -6.16 3.00 15.76
CA HIS B 7 -5.24 2.66 14.68
C HIS B 7 -6.01 2.38 13.40
N ALA B 8 -5.53 2.94 12.30
CA ALA B 8 -6.14 2.67 11.01
C ALA B 8 -5.85 1.23 10.60
N PRO B 9 -6.85 0.46 10.18
CA PRO B 9 -6.60 -0.93 9.80
C PRO B 9 -6.11 -1.02 8.36
N PRO B 10 -5.58 -2.19 7.95
CA PRO B 10 -5.05 -2.30 6.58
C PRO B 10 -5.99 -1.78 5.51
N THR B 11 -7.28 -2.09 5.62
CA THR B 11 -8.24 -1.72 4.59
C THR B 11 -8.32 -0.20 4.43
N LEU B 12 -8.26 0.55 5.52
CA LEU B 12 -8.24 1.99 5.41
C LEU B 12 -6.97 2.46 4.70
N TRP B 13 -5.81 1.92 5.11
CA TRP B 13 -4.56 2.23 4.42
C TRP B 13 -4.65 1.89 2.93
N SER B 14 -5.29 0.77 2.59
CA SER B 14 -5.38 0.36 1.19
C SER B 14 -6.13 1.36 0.35
N ARG B 15 -6.89 2.27 0.98
CA ARG B 15 -7.60 3.32 0.26
C ARG B 15 -6.66 4.41 -0.22
N VAL B 16 -5.51 4.56 0.43
CA VAL B 16 -4.56 5.62 0.08
C VAL B 16 -3.80 5.18 -1.16
N THR B 17 -3.88 5.97 -2.22
CA THR B 17 -3.51 5.56 -3.56
C THR B 17 -2.60 6.59 -4.20
N LYS B 18 -1.46 6.14 -4.71
CA LYS B 18 -0.58 7.04 -5.45
C LYS B 18 -1.34 7.69 -6.59
N PHE B 19 -1.18 9.00 -6.72
CA PHE B 19 -1.94 9.75 -7.73
C PHE B 19 -1.18 11.03 -8.03
N GLY B 20 -0.75 11.17 -9.30
CA GLY B 20 -0.08 12.39 -9.72
C GLY B 20 1.15 12.65 -8.87
N SER B 21 1.32 13.91 -8.49
CA SER B 21 2.46 14.31 -7.66
C SER B 21 2.27 13.98 -6.18
N GLY B 22 1.14 13.36 -5.81
CA GLY B 22 0.94 12.95 -4.44
C GLY B 22 0.07 11.72 -4.33
N TRP B 23 -1.09 11.87 -3.68
CA TRP B 23 -1.90 10.75 -3.25
C TRP B 23 -3.38 11.07 -3.40
N GLY B 24 -4.19 10.02 -3.30
CA GLY B 24 -5.63 10.14 -3.27
C GLY B 24 -6.19 9.05 -2.38
N PHE B 25 -7.49 9.15 -2.13
CA PHE B 25 -8.17 8.31 -1.15
C PHE B 25 -9.47 7.78 -1.73
N TRP B 26 -9.74 6.50 -1.53
CA TRP B 26 -10.97 5.87 -2.00
C TRP B 26 -11.98 5.93 -0.85
N VAL B 27 -12.95 6.86 -0.96
CA VAL B 27 -14.00 6.94 0.05
C VAL B 27 -14.94 5.75 -0.07
N SER B 28 -15.08 5.21 -1.28
CA SER B 28 -16.00 4.11 -1.58
C SER B 28 -15.60 3.45 -2.90
N PRO B 29 -16.27 2.36 -3.31
CA PRO B 29 -15.93 1.74 -4.59
C PRO B 29 -15.90 2.70 -5.77
N THR B 30 -16.56 3.86 -5.64
CA THR B 30 -16.75 4.77 -6.77
C THR B 30 -16.24 6.18 -6.53
N VAL B 31 -16.00 6.58 -5.28
CA VAL B 31 -15.62 7.96 -4.95
C VAL B 31 -14.13 8.01 -4.62
N PHE B 32 -13.42 8.90 -5.30
CA PHE B 32 -12.00 9.15 -5.10
C PHE B 32 -11.80 10.64 -4.82
N ILE B 33 -10.98 10.98 -3.81
CA ILE B 33 -10.74 12.38 -3.45
C ILE B 33 -9.24 12.64 -3.35
N THR B 34 -8.83 13.86 -3.69
CA THR B 34 -7.41 14.22 -3.67
C THR B 34 -7.29 15.74 -3.62
N THR B 35 -6.04 16.21 -3.52
CA THR B 35 -5.73 17.64 -3.56
C THR B 35 -5.55 18.12 -4.99
N THR B 36 -6.00 19.35 -5.28
CA THR B 36 -6.19 19.76 -6.67
C THR B 36 -4.86 19.98 -7.39
N HIS B 37 -3.92 20.66 -6.75
CA HIS B 37 -2.63 20.92 -7.39
C HIS B 37 -1.78 19.64 -7.59
N VAL B 38 -2.35 18.47 -7.30
CA VAL B 38 -1.66 17.20 -7.41
C VAL B 38 -2.16 16.48 -8.67
N VAL B 39 -3.42 16.71 -9.03
CA VAL B 39 -3.98 16.03 -10.21
C VAL B 39 -3.12 16.35 -11.43
N PRO B 40 -2.79 15.37 -12.28
CA PRO B 40 -2.11 15.70 -13.54
C PRO B 40 -2.96 16.60 -14.42
N THR B 41 -2.37 17.71 -14.84
CA THR B 41 -3.06 18.71 -15.67
C THR B 41 -3.51 18.11 -16.99
N VAL B 43 -5.19 15.81 -18.82
CA VAL B 43 -5.25 14.53 -19.51
C VAL B 43 -6.71 14.16 -19.75
N LYS B 44 -6.98 12.89 -20.11
CA LYS B 44 -8.30 12.50 -20.59
C LYS B 44 -8.79 11.15 -20.06
N GLU B 45 -8.07 10.52 -19.13
CA GLU B 45 -8.54 9.26 -18.55
C GLU B 45 -7.85 9.03 -17.23
N PHE B 46 -8.63 8.77 -16.18
CA PHE B 46 -8.12 8.45 -14.86
C PHE B 46 -8.44 7.00 -14.54
N PHE B 47 -7.42 6.24 -14.13
CA PHE B 47 -7.59 4.85 -13.73
C PHE B 47 -8.26 4.02 -14.83
N GLY B 48 -8.08 4.43 -16.08
CA GLY B 48 -8.60 3.68 -17.21
C GLY B 48 -9.96 4.11 -17.69
N GLU B 49 -10.65 4.94 -16.95
CA GLU B 49 -11.95 5.45 -17.36
C GLU B 49 -11.77 6.80 -18.06
N PRO B 50 -12.47 7.05 -19.17
CA PRO B 50 -12.41 8.37 -19.80
C PRO B 50 -13.20 9.41 -19.01
N LEU B 51 -12.76 10.66 -19.12
CA LEU B 51 -13.36 11.73 -18.33
C LEU B 51 -14.88 11.69 -18.38
N SER B 52 -15.45 11.44 -19.57
CA SER B 52 -16.88 11.54 -19.77
C SER B 52 -17.68 10.52 -18.96
N SER B 53 -16.99 9.68 -18.20
CA SER B 53 -17.63 8.74 -17.29
C SER B 53 -17.36 9.09 -15.83
N ILE B 54 -16.74 10.22 -15.56
CA ILE B 54 -16.35 10.60 -14.20
C ILE B 54 -16.97 11.94 -13.87
N ALA B 55 -17.89 11.96 -12.92
CA ALA B 55 -18.40 13.21 -12.37
C ALA B 55 -17.33 13.86 -11.50
N ILE B 56 -16.95 15.09 -11.82
CA ILE B 56 -15.82 15.77 -11.19
C ILE B 56 -16.26 17.14 -10.70
N HIS B 57 -15.97 17.43 -9.43
CA HIS B 57 -16.04 18.78 -8.89
C HIS B 57 -14.74 19.08 -8.18
N GLN B 58 -14.27 20.32 -8.33
CA GLN B 58 -12.92 20.71 -7.92
C GLN B 58 -13.03 22.09 -7.28
N ALA B 59 -12.74 22.20 -5.98
CA ALA B 59 -13.10 23.39 -5.21
C ALA B 59 -12.13 23.62 -4.06
N GLY B 60 -11.37 24.70 -4.12
CA GLY B 60 -10.58 25.13 -2.98
C GLY B 60 -9.48 24.16 -2.60
N GLU B 61 -8.81 23.59 -3.61
CA GLU B 61 -7.81 22.53 -3.49
C GLU B 61 -8.40 21.20 -3.05
N PHE B 62 -9.72 21.04 -3.13
CA PHE B 62 -10.36 19.75 -2.90
C PHE B 62 -10.98 19.26 -4.21
N THR B 63 -10.66 18.01 -4.57
CA THR B 63 -11.12 17.35 -5.79
C THR B 63 -11.85 16.06 -5.46
N GLN B 64 -12.97 15.81 -6.15
CA GLN B 64 -13.74 14.57 -6.01
C GLN B 64 -14.02 13.94 -7.37
N PHE B 65 -13.94 12.61 -7.42
CA PHE B 65 -14.26 11.83 -8.61
C PHE B 65 -15.32 10.79 -8.25
N ARG B 66 -16.37 10.71 -9.06
CA ARG B 66 -17.35 9.64 -8.94
C ARG B 66 -17.31 8.85 -10.24
N PHE B 67 -17.08 7.54 -10.14
CA PHE B 67 -16.85 6.70 -11.30
C PHE B 67 -18.12 5.94 -11.65
N SER B 68 -18.24 5.62 -12.94
CA SER B 68 -19.40 4.90 -13.45
C SER B 68 -19.34 3.41 -13.12
N LYS B 69 -18.14 2.86 -12.98
CA LYS B 69 -17.96 1.49 -12.51
C LYS B 69 -17.51 1.49 -11.07
N LYS B 70 -17.68 0.33 -10.42
CA LYS B 70 -17.03 0.08 -9.15
C LYS B 70 -15.53 -0.12 -9.37
N MET B 71 -14.74 0.87 -8.95
CA MET B 71 -13.29 0.78 -9.10
C MET B 71 -12.64 0.02 -7.97
N ARG B 72 -13.27 0.00 -6.79
CA ARG B 72 -12.75 -0.74 -5.63
C ARG B 72 -13.91 -1.47 -4.96
N PRO B 73 -14.56 -2.39 -5.67
CA PRO B 73 -15.69 -3.13 -5.08
C PRO B 73 -15.33 -3.90 -3.84
N ASP B 74 -14.04 -4.08 -3.56
CA ASP B 74 -13.64 -4.65 -2.29
C ASP B 74 -13.96 -3.73 -1.12
N LEU B 75 -14.24 -2.45 -1.38
CA LEU B 75 -14.36 -1.45 -0.33
C LEU B 75 -15.82 -1.13 -0.02
N THR B 76 -16.11 -0.90 1.24
CA THR B 76 -17.38 -0.31 1.66
C THR B 76 -17.26 1.21 1.69
N GLY B 77 -18.38 1.88 1.47
CA GLY B 77 -18.40 3.33 1.62
C GLY B 77 -18.04 3.75 3.04
N MET B 78 -17.62 4.99 3.18
CA MET B 78 -17.44 5.58 4.49
C MET B 78 -17.90 7.02 4.45
N VAL B 79 -17.89 7.66 5.61
CA VAL B 79 -18.42 9.01 5.74
C VAL B 79 -17.38 10.00 5.24
N LEU B 80 -17.80 10.84 4.30
CA LEU B 80 -17.06 12.04 3.91
C LEU B 80 -17.77 13.24 4.50
N GLU B 81 -17.03 14.10 5.19
CA GLU B 81 -17.60 15.29 5.81
C GLU B 81 -16.72 16.49 5.49
N GLU B 82 -17.27 17.68 5.71
CA GLU B 82 -16.54 18.92 5.41
C GLU B 82 -15.75 19.29 6.66
N GLY B 83 -14.49 18.88 6.69
CA GLY B 83 -13.73 19.14 7.89
C GLY B 83 -14.32 18.38 9.06
N CYS B 84 -13.86 18.75 10.24
CA CYS B 84 -14.32 18.10 11.46
C CYS B 84 -14.41 19.14 12.56
N PRO B 85 -15.09 18.83 13.66
CA PRO B 85 -15.18 19.77 14.78
C PRO B 85 -13.80 20.20 15.26
N GLU B 86 -13.64 21.52 15.47
CA GLU B 86 -12.43 22.03 16.11
C GLU B 86 -12.14 21.25 17.38
N GLY B 87 -10.87 20.88 17.57
CA GLY B 87 -10.44 20.07 18.69
C GLY B 87 -10.33 18.60 18.38
N THR B 88 -10.96 18.12 17.31
CA THR B 88 -10.82 16.73 16.90
C THR B 88 -9.36 16.40 16.64
N VAL B 89 -8.92 15.25 17.14
CA VAL B 89 -7.61 14.70 16.84
C VAL B 89 -7.78 13.77 15.64
N CYS B 90 -7.23 14.18 14.50
CA CYS B 90 -7.27 13.38 13.29
C CYS B 90 -5.97 12.62 13.11
N SER B 91 -6.03 11.60 12.25
CA SER B 91 -4.87 10.90 11.74
C SER B 91 -4.70 11.26 10.28
N VAL B 92 -3.50 11.70 9.89
CA VAL B 92 -3.17 11.91 8.49
C VAL B 92 -2.45 10.64 8.02
N LEU B 93 -3.11 9.85 7.16
CA LEU B 93 -2.59 8.56 6.71
C LEU B 93 -1.57 8.80 5.62
N ILE B 94 -0.34 9.07 6.03
CA ILE B 94 0.71 9.38 5.07
C ILE B 94 1.34 8.08 4.61
N LYS B 95 1.37 7.87 3.30
CA LYS B 95 2.22 6.86 2.68
C LYS B 95 3.39 7.55 2.01
N ARG B 96 4.54 6.89 2.03
CA ARG B 96 5.73 7.36 1.35
C ARG B 96 6.05 6.43 0.19
N ASP B 97 6.84 6.93 -0.77
CA ASP B 97 7.20 6.14 -1.94
C ASP B 97 7.88 4.83 -1.56
N SER B 98 8.68 4.85 -0.49
CA SER B 98 9.35 3.64 -0.02
C SER B 98 8.37 2.56 0.43
N GLY B 99 7.11 2.91 0.68
CA GLY B 99 6.14 2.00 1.27
C GLY B 99 5.88 2.23 2.73
N GLU B 100 6.68 3.09 3.38
CA GLU B 100 6.48 3.38 4.80
C GLU B 100 5.09 3.96 5.04
N LEU B 101 4.41 3.43 6.05
CA LEU B 101 3.19 4.01 6.58
C LEU B 101 3.53 4.91 7.76
N LEU B 102 3.07 6.16 7.73
CA LEU B 102 3.43 7.15 8.73
C LEU B 102 2.20 7.94 9.14
N PRO B 103 1.37 7.37 10.03
CA PRO B 103 0.18 8.09 10.48
C PRO B 103 0.57 9.19 11.46
N LEU B 104 0.12 10.42 11.18
CA LEU B 104 0.47 11.59 11.97
C LEU B 104 -0.75 12.06 12.75
N ALA B 105 -0.55 12.33 14.04
CA ALA B 105 -1.61 12.81 14.91
C ALA B 105 -1.67 14.32 14.83
N VAL B 106 -2.86 14.86 14.58
CA VAL B 106 -3.05 16.29 14.39
C VAL B 106 -4.29 16.72 15.16
N ARG B 107 -4.15 17.78 15.96
CA ARG B 107 -5.31 18.43 16.58
C ARG B 107 -5.81 19.50 15.62
N MET B 108 -7.06 19.39 15.21
CA MET B 108 -7.60 20.22 14.15
C MET B 108 -8.16 21.52 14.71
N GLY B 109 -7.92 22.62 13.99
CA GLY B 109 -8.42 23.92 14.37
C GLY B 109 -9.55 24.43 13.49
N ALA B 110 -9.49 25.70 13.11
CA ALA B 110 -10.62 26.33 12.46
C ALA B 110 -10.65 26.01 10.96
N ILE B 111 -11.88 25.97 10.43
CA ILE B 111 -12.14 25.86 9.01
C ILE B 111 -12.19 27.26 8.42
N ALA B 112 -11.52 27.46 7.29
CA ALA B 112 -11.29 28.79 6.76
C ALA B 112 -10.95 28.70 5.27
N SER B 113 -11.30 29.76 4.54
CA SER B 113 -10.78 29.97 3.19
C SER B 113 -9.48 30.75 3.29
N MET B 114 -8.39 30.18 2.78
CA MET B 114 -7.07 30.79 2.87
C MET B 114 -6.51 31.05 1.48
N ARG B 115 -5.32 31.65 1.46
CA ARG B 115 -4.56 31.86 0.23
C ARG B 115 -3.13 31.45 0.55
N ILE B 116 -2.72 30.28 0.08
CA ILE B 116 -1.38 29.75 0.31
C ILE B 116 -0.64 29.78 -1.02
N GLN B 117 0.07 30.89 -1.29
CA GLN B 117 0.84 31.05 -2.51
C GLN B 117 -0.08 31.20 -3.73
N GLY B 118 -1.03 32.13 -3.64
CA GLY B 118 -1.92 32.39 -4.74
C GLY B 118 -2.91 31.29 -5.06
N ARG B 119 -2.86 30.17 -4.33
CA ARG B 119 -3.88 29.15 -4.44
C ARG B 119 -4.92 29.38 -3.36
N LEU B 120 -6.18 29.52 -3.76
CA LEU B 120 -7.28 29.47 -2.81
C LEU B 120 -7.39 28.07 -2.23
N VAL B 121 -7.75 27.98 -0.95
CA VAL B 121 -7.85 26.70 -0.25
C VAL B 121 -8.99 26.80 0.75
N HIS B 122 -10.10 26.12 0.46
CA HIS B 122 -11.12 25.90 1.49
C HIS B 122 -10.61 24.77 2.36
N GLY B 123 -9.98 25.12 3.49
CA GLY B 123 -9.24 24.17 4.28
C GLY B 123 -9.64 24.20 5.73
N GLN B 124 -8.96 23.34 6.50
CA GLN B 124 -9.01 23.35 7.94
C GLN B 124 -7.58 23.17 8.42
N SER B 125 -7.16 24.00 9.37
CA SER B 125 -5.80 23.92 9.87
C SER B 125 -5.76 23.00 11.08
N GLY B 126 -4.56 22.52 11.37
CA GLY B 126 -4.34 21.68 12.53
C GLY B 126 -2.90 21.75 12.92
N MET B 127 -2.62 21.30 14.13
CA MET B 127 -1.27 21.32 14.68
C MET B 127 -0.79 19.89 14.89
N LEU B 128 0.40 19.58 14.38
CA LEU B 128 0.99 18.28 14.65
C LEU B 128 1.16 18.08 16.15
N LEU B 129 1.02 16.82 16.59
CA LEU B 129 1.25 16.49 17.98
C LEU B 129 2.62 15.85 18.16
N GLY B 140 7.25 14.78 10.49
CA GLY B 140 6.60 15.90 9.82
C GLY B 140 6.18 15.57 8.39
N THR B 141 5.31 16.40 7.80
CA THR B 141 4.92 16.19 6.42
C THR B 141 5.94 16.82 5.49
N ILE B 142 5.97 16.33 4.26
CA ILE B 142 6.98 16.73 3.28
C ILE B 142 6.32 16.95 1.93
N PRO B 143 7.03 17.49 0.94
CA PRO B 143 6.48 17.50 -0.42
C PRO B 143 6.22 16.08 -0.90
N GLY B 144 5.16 15.91 -1.67
CA GLY B 144 4.76 14.59 -2.10
C GLY B 144 3.78 13.91 -1.18
N ASP B 145 3.49 14.47 -0.01
CA ASP B 145 2.48 13.97 0.90
C ASP B 145 1.10 14.52 0.63
N CYS B 146 0.95 15.39 -0.38
CA CYS B 146 -0.34 16.02 -0.61
C CYS B 146 -1.36 15.02 -1.13
N GLY B 147 -2.62 15.21 -0.73
CA GLY B 147 -3.67 14.28 -1.04
C GLY B 147 -3.90 13.21 0.01
N ALA B 148 -2.98 13.04 0.95
CA ALA B 148 -3.17 12.05 2.00
C ALA B 148 -4.43 12.38 2.80
N PRO B 149 -5.19 11.39 3.26
CA PRO B 149 -6.45 11.68 3.94
C PRO B 149 -6.29 12.04 5.41
N TYR B 150 -7.11 12.98 5.84
CA TYR B 150 -7.32 13.28 7.26
C TYR B 150 -8.55 12.50 7.73
N VAL B 151 -8.34 11.60 8.69
CA VAL B 151 -9.42 10.72 9.14
C VAL B 151 -9.55 10.81 10.66
N HIS B 152 -10.73 10.46 11.15
CA HIS B 152 -10.93 10.25 12.58
C HIS B 152 -12.01 9.20 12.72
N LYS B 153 -12.03 8.53 13.87
CA LYS B 153 -12.98 7.46 14.12
C LYS B 153 -14.05 7.96 15.08
N ARG B 154 -15.28 8.03 14.59
CA ARG B 154 -16.44 8.48 15.37
C ARG B 154 -17.26 7.26 15.74
N GLY B 155 -17.08 6.76 16.95
CA GLY B 155 -17.73 5.53 17.37
C GLY B 155 -17.30 4.35 16.53
N ASN B 156 -18.17 3.90 15.63
CA ASN B 156 -17.86 2.76 14.78
C ASN B 156 -17.28 3.15 13.44
N ASP B 157 -17.69 4.29 12.91
CA ASP B 157 -17.38 4.68 11.54
C ASP B 157 -16.12 5.53 11.50
N TRP B 158 -15.19 5.17 10.62
CA TRP B 158 -14.08 6.03 10.26
C TRP B 158 -14.59 7.13 9.36
N VAL B 159 -14.25 8.37 9.69
CA VAL B 159 -14.66 9.55 8.93
C VAL B 159 -13.42 10.15 8.28
N VAL B 160 -13.51 10.41 6.98
CA VAL B 160 -12.51 11.20 6.28
C VAL B 160 -13.07 12.61 6.10
N CYS B 161 -12.28 13.62 6.47
CA CYS B 161 -12.76 14.99 6.44
C CYS B 161 -11.89 15.94 5.64
N GLY B 162 -10.77 15.48 5.08
CA GLY B 162 -9.94 16.38 4.30
C GLY B 162 -8.80 15.63 3.64
N VAL B 163 -8.04 16.36 2.83
CA VAL B 163 -6.88 15.82 2.15
C VAL B 163 -5.74 16.80 2.29
N HIS B 164 -4.56 16.31 2.69
CA HIS B 164 -3.43 17.17 2.94
C HIS B 164 -3.12 18.05 1.73
N ALA B 165 -2.99 19.36 2.00
CA ALA B 165 -2.84 20.34 0.93
C ALA B 165 -1.71 21.34 1.16
N ALA B 166 -1.20 21.50 2.39
CA ALA B 166 -0.21 22.53 2.68
C ALA B 166 0.31 22.35 4.10
N ALA B 167 1.40 23.04 4.38
CA ALA B 167 1.99 23.08 5.72
C ALA B 167 3.01 24.22 5.77
N THR B 168 3.28 24.69 6.98
CA THR B 168 4.13 25.86 7.18
C THR B 168 5.59 25.52 6.86
N LYS B 169 6.44 26.55 6.95
CA LYS B 169 7.87 26.37 6.71
C LYS B 169 8.42 25.26 7.60
N SER B 170 8.14 25.34 8.90
CA SER B 170 8.40 24.24 9.80
C SER B 170 7.32 23.16 9.60
N GLY B 171 7.38 22.11 10.42
CA GLY B 171 6.32 21.13 10.40
C GLY B 171 5.13 21.49 11.28
N ASN B 172 5.34 22.38 12.24
CA ASN B 172 4.37 22.70 13.29
C ASN B 172 2.92 22.56 12.85
N THR B 173 2.53 23.22 11.77
CA THR B 173 1.14 23.39 11.40
C THR B 173 0.88 22.86 10.00
N VAL B 174 -0.28 22.23 9.81
CA VAL B 174 -0.66 21.67 8.52
C VAL B 174 -2.05 22.17 8.16
N VAL B 175 -2.39 22.00 6.89
CA VAL B 175 -3.71 22.38 6.40
C VAL B 175 -4.22 21.27 5.48
N CYS B 176 -5.46 20.84 5.68
CA CYS B 176 -6.13 19.97 4.74
C CYS B 176 -7.22 20.74 4.01
N ALA B 177 -7.30 20.51 2.71
CA ALA B 177 -8.43 21.02 1.94
C ALA B 177 -9.67 20.18 2.25
N VAL B 178 -10.80 20.85 2.39
CA VAL B 178 -12.04 20.18 2.76
C VAL B 178 -13.08 20.51 1.72
N GLN B 179 -14.03 19.59 1.56
CA GLN B 179 -15.14 19.81 0.64
C GLN B 179 -16.05 20.90 1.16
N ALA B 180 -16.49 21.78 0.24
CA ALA B 180 -17.37 22.90 0.61
C ALA B 180 -18.85 22.50 0.69
#